data_1MD8
#
_entry.id   1MD8
#
_cell.length_a   112.911
_cell.length_b   49.459
_cell.length_c   77.249
_cell.angle_alpha   90.00
_cell.angle_beta   106.19
_cell.angle_gamma   90.00
#
_symmetry.space_group_name_H-M   'C 1 2 1'
#
loop_
_entity.id
_entity.type
_entity.pdbx_description
1 polymer 'C1R COMPLEMENT SERINE PROTEASE'
2 water water
#
_entity_poly.entity_id   1
_entity_poly.type   'polypeptide(L)'
_entity_poly.pdbx_seq_one_letter_code
;DCGQPRNLPNGDFRYTTTMGVNTYKARIQYYCHEPYYKMQTRAGSRESEQGVYTCTAQGIWKNEQKGEKIPRCLPVCGKP
VNPVEQRQRIIGGQKAKMGNFPWQVFTNIHGRGGGALLGDRWILTAAHTLYPKEHEAQSNASLDVFLGHTNVEELMKLGN
HPIRRVSVHPDYRQDESYNFEGDIALLELENSVTLGPNLLPICLPDNDTFYDLGLMGYVSGFGVMEEKIAHDLRFVRLPV
ANPQACENWLRGKNRMDVFSQNMFCAGHPSLKQDACQGDSGGVFAVRDPNTDRWVATGIVSWGIGCSRGYGFYTKVLNYV
DWIKKEMEE
;
_entity_poly.pdbx_strand_id   A
#
# COMPACT_ATOMS: atom_id res chain seq x y z
N ASP A 1 41.87 15.49 -5.95
CA ASP A 1 41.38 15.06 -4.61
C ASP A 1 40.07 14.25 -4.69
N CYS A 2 39.12 14.75 -5.48
CA CYS A 2 37.80 14.12 -5.67
C CYS A 2 36.78 14.73 -4.75
N GLY A 3 37.22 15.20 -3.58
CA GLY A 3 36.30 15.80 -2.65
C GLY A 3 35.40 14.75 -2.01
N GLN A 4 34.46 15.20 -1.18
CA GLN A 4 33.55 14.29 -0.49
C GLN A 4 32.57 13.69 -1.49
N PRO A 5 32.28 12.40 -1.34
CA PRO A 5 31.35 11.68 -2.22
C PRO A 5 29.92 12.23 -2.13
N ARG A 6 29.19 12.13 -3.25
CA ARG A 6 27.80 12.59 -3.30
C ARG A 6 27.00 11.73 -2.34
N ASN A 7 26.02 12.30 -1.66
CA ASN A 7 25.22 11.50 -0.74
C ASN A 7 24.20 10.68 -1.51
N LEU A 8 24.12 9.40 -1.19
CA LEU A 8 23.20 8.49 -1.85
C LEU A 8 21.86 8.44 -1.12
N PRO A 9 20.83 9.11 -1.66
CA PRO A 9 19.50 9.10 -1.03
C PRO A 9 18.99 7.69 -0.74
N ASN A 10 18.58 7.46 0.50
CA ASN A 10 18.06 6.16 0.93
C ASN A 10 19.13 5.08 0.94
N GLY A 11 20.37 5.53 1.04
CA GLY A 11 21.48 4.63 1.08
C GLY A 11 22.66 5.36 1.67
N ASP A 12 23.77 4.68 1.84
CA ASP A 12 24.92 5.34 2.39
C ASP A 12 26.16 4.69 1.83
N PHE A 13 27.32 5.31 2.03
CA PHE A 13 28.56 4.75 1.52
C PHE A 13 29.55 4.55 2.65
N ARG A 14 30.43 3.58 2.49
CA ARG A 14 31.44 3.32 3.50
C ARG A 14 32.82 3.33 2.84
N TYR A 15 33.83 3.77 3.58
CA TYR A 15 35.18 3.77 3.02
C TYR A 15 35.81 2.40 3.25
N THR A 16 36.41 1.84 2.20
CA THR A 16 37.09 0.55 2.29
C THR A 16 38.52 0.92 2.62
N THR A 17 38.88 2.14 2.21
CA THR A 17 40.21 2.69 2.44
C THR A 17 40.09 3.54 3.70
N THR A 18 41.13 4.29 4.03
CA THR A 18 41.11 5.14 5.22
C THR A 18 39.94 6.10 5.16
N MET A 19 39.11 6.06 6.19
CA MET A 19 37.90 6.89 6.26
C MET A 19 38.12 8.39 6.18
N GLY A 20 37.24 9.06 5.43
CA GLY A 20 37.31 10.49 5.29
C GLY A 20 38.35 10.97 4.30
N VAL A 21 39.28 10.09 3.94
CA VAL A 21 40.32 10.47 3.00
C VAL A 21 39.85 10.29 1.56
N ASN A 22 39.61 11.40 0.89
CA ASN A 22 39.13 11.38 -0.49
C ASN A 22 40.22 11.83 -1.45
N THR A 23 41.16 10.93 -1.73
CA THR A 23 42.26 11.24 -2.64
C THR A 23 42.46 10.04 -3.56
N TYR A 24 43.53 10.05 -4.35
CA TYR A 24 43.76 8.93 -5.27
C TYR A 24 43.69 7.57 -4.59
N LYS A 25 43.24 6.57 -5.34
CA LYS A 25 43.11 5.19 -4.84
C LYS A 25 42.12 5.06 -3.69
N ALA A 26 41.39 6.14 -3.41
CA ALA A 26 40.40 6.10 -2.34
C ALA A 26 39.29 5.17 -2.81
N ARG A 27 38.75 4.40 -1.88
CA ARG A 27 37.71 3.45 -2.23
C ARG A 27 36.54 3.42 -1.23
N ILE A 28 35.35 3.72 -1.72
CA ILE A 28 34.13 3.70 -0.91
C ILE A 28 33.18 2.73 -1.57
N GLN A 29 32.38 2.06 -0.77
CA GLN A 29 31.40 1.15 -1.33
C GLN A 29 30.03 1.66 -0.92
N TYR A 30 29.24 2.02 -1.92
CA TYR A 30 27.89 2.49 -1.68
C TYR A 30 26.98 1.31 -1.34
N TYR A 31 25.92 1.60 -0.61
CA TYR A 31 24.95 0.58 -0.27
C TYR A 31 23.58 1.20 -0.04
N CYS A 32 22.53 0.43 -0.28
CA CYS A 32 21.19 0.92 -0.09
C CYS A 32 20.60 0.38 1.20
N HIS A 33 19.69 1.14 1.81
CA HIS A 33 19.08 0.73 3.05
C HIS A 33 18.14 -0.43 2.81
N GLU A 34 18.74 -1.60 2.63
CA GLU A 34 18.03 -2.84 2.37
C GLU A 34 17.45 -3.28 3.71
N PRO A 35 16.32 -4.00 3.70
CA PRO A 35 15.49 -4.48 2.59
C PRO A 35 14.39 -3.51 2.20
N TYR A 36 14.43 -2.32 2.78
CA TYR A 36 13.42 -1.31 2.51
C TYR A 36 13.67 -0.73 1.13
N TYR A 37 14.94 -0.66 0.74
CA TYR A 37 15.29 -0.16 -0.58
C TYR A 37 16.25 -1.13 -1.24
N LYS A 38 16.24 -1.19 -2.56
CA LYS A 38 17.15 -2.07 -3.27
C LYS A 38 17.87 -1.23 -4.31
N MET A 39 19.13 -1.57 -4.56
CA MET A 39 19.93 -0.85 -5.53
C MET A 39 19.54 -1.23 -6.97
N GLN A 40 19.17 -0.22 -7.74
CA GLN A 40 18.78 -0.42 -9.13
C GLN A 40 19.92 -1.10 -9.89
N THR A 41 19.57 -1.94 -10.86
CA THR A 41 20.58 -2.65 -11.64
C THR A 41 20.18 -2.89 -13.09
N GLN A 50 28.91 -1.97 -8.99
CA GLN A 50 28.32 -2.71 -7.87
C GLN A 50 28.45 -1.88 -6.59
N GLY A 51 28.29 -0.57 -6.73
CA GLY A 51 28.39 0.29 -5.57
C GLY A 51 29.81 0.67 -5.20
N VAL A 52 30.78 0.07 -5.89
CA VAL A 52 32.18 0.35 -5.62
C VAL A 52 32.68 1.51 -6.46
N TYR A 53 33.15 2.55 -5.79
CA TYR A 53 33.70 3.72 -6.46
C TYR A 53 35.07 4.06 -5.91
N THR A 54 35.90 4.69 -6.72
CA THR A 54 37.23 5.05 -6.27
C THR A 54 37.60 6.41 -6.80
N CYS A 55 38.52 7.07 -6.10
CA CYS A 55 38.95 8.38 -6.52
C CYS A 55 39.98 8.22 -7.64
N THR A 56 39.47 8.22 -8.87
CA THR A 56 40.29 8.05 -10.06
C THR A 56 41.44 9.07 -10.13
N ALA A 57 42.50 8.71 -10.87
CA ALA A 57 43.65 9.59 -11.01
C ALA A 57 43.21 10.88 -11.68
N GLN A 58 42.00 10.88 -12.24
CA GLN A 58 41.44 12.05 -12.89
C GLN A 58 40.82 12.93 -11.82
N GLY A 59 41.03 12.54 -10.56
CA GLY A 59 40.47 13.30 -9.45
C GLY A 59 38.96 13.19 -9.38
N ILE A 60 38.41 12.09 -9.89
CA ILE A 60 36.97 11.86 -9.90
C ILE A 60 36.57 10.54 -9.25
N TRP A 61 35.43 10.52 -8.57
CA TRP A 61 34.93 9.31 -7.95
C TRP A 61 34.29 8.43 -9.04
N LYS A 62 34.91 7.30 -9.33
CA LYS A 62 34.38 6.44 -10.39
C LYS A 62 34.30 4.95 -10.10
N ASN A 63 33.23 4.36 -10.60
CA ASN A 63 33.01 2.92 -10.48
C ASN A 63 33.49 2.28 -11.78
N GLU A 64 34.12 1.12 -11.65
CA GLU A 64 34.68 0.41 -12.80
C GLU A 64 33.85 0.38 -14.08
N GLN A 65 32.53 0.24 -13.95
CA GLN A 65 31.64 0.20 -15.11
C GLN A 65 31.04 1.54 -15.53
N LYS A 66 30.70 2.37 -14.56
CA LYS A 66 30.11 3.68 -14.84
C LYS A 66 31.14 4.75 -14.46
N GLY A 67 31.19 5.08 -13.17
CA GLY A 67 32.09 6.11 -12.69
C GLY A 67 31.40 7.39 -12.28
N GLU A 68 31.29 8.33 -13.21
CA GLU A 68 30.69 9.63 -12.89
C GLU A 68 29.31 9.62 -12.21
N LYS A 69 28.62 8.47 -12.31
CA LYS A 69 27.25 8.24 -11.82
C LYS A 69 27.06 7.27 -10.68
N ILE A 70 26.54 7.81 -9.58
CA ILE A 70 26.27 7.07 -8.35
C ILE A 70 24.99 6.28 -8.49
N PRO A 71 24.89 5.19 -7.77
CA PRO A 71 23.74 4.28 -7.76
C PRO A 71 22.43 4.94 -7.39
N ARG A 72 21.34 4.21 -7.56
CA ARG A 72 20.00 4.68 -7.24
C ARG A 72 19.35 3.65 -6.30
N CYS A 73 18.84 4.11 -5.16
CA CYS A 73 18.20 3.20 -4.22
C CYS A 73 16.69 3.29 -4.32
N LEU A 74 16.09 2.33 -5.01
CA LEU A 74 14.64 2.34 -5.19
C LEU A 74 13.92 1.60 -4.06
N PRO A 75 12.70 2.04 -3.75
CA PRO A 75 11.86 1.45 -2.69
C PRO A 75 11.46 0.02 -3.06
N VAL A 76 11.40 -0.85 -2.06
CA VAL A 76 11.02 -2.24 -2.28
C VAL A 76 9.58 -2.45 -1.80
N CYS A 77 8.73 -2.95 -2.69
CA CYS A 77 7.33 -3.19 -2.36
C CYS A 77 6.98 -4.63 -2.00
N GLY A 78 5.94 -4.76 -1.19
CA GLY A 78 5.41 -6.04 -0.78
C GLY A 78 6.27 -7.07 -0.08
N LYS A 79 7.42 -6.66 0.44
CA LYS A 79 8.28 -7.63 1.12
C LYS A 79 8.44 -7.26 2.59
N PRO A 80 7.36 -7.34 3.38
CA PRO A 80 7.36 -7.02 4.81
C PRO A 80 8.36 -7.77 5.68
N VAL A 81 8.85 -7.07 6.69
CA VAL A 81 9.81 -7.63 7.61
C VAL A 81 9.22 -8.64 8.57
N ASN A 82 8.07 -8.30 9.15
CA ASN A 82 7.41 -9.19 10.09
C ASN A 82 6.05 -9.65 9.56
N PRO A 83 6.06 -10.66 8.69
CA PRO A 83 4.83 -11.20 8.10
C PRO A 83 3.80 -11.64 9.13
N VAL A 84 2.56 -11.75 8.69
CA VAL A 84 1.46 -12.15 9.55
C VAL A 84 1.57 -13.64 9.85
N GLU A 85 0.95 -14.08 10.94
CA GLU A 85 0.98 -15.49 11.29
C GLU A 85 -0.27 -16.18 10.77
N GLN A 86 -0.06 -17.32 10.11
CA GLN A 86 -1.16 -18.07 9.51
C GLN A 86 -2.19 -18.73 10.44
N ARG A 87 -1.78 -19.18 11.62
CA ARG A 87 -2.75 -19.82 12.53
C ARG A 87 -3.70 -18.81 13.18
N ILE A 90 -13.06 -3.70 11.31
CA ILE A 90 -12.92 -5.14 11.09
C ILE A 90 -13.62 -5.93 12.17
N ILE A 91 -14.69 -6.62 11.78
CA ILE A 91 -15.46 -7.45 12.71
C ILE A 91 -14.97 -8.85 12.35
N GLY A 92 -14.59 -9.63 13.35
CA GLY A 92 -14.07 -10.95 13.07
C GLY A 92 -12.73 -11.16 13.75
N GLY A 93 -12.32 -10.16 14.52
CA GLY A 93 -11.10 -10.22 15.30
C GLY A 93 -9.67 -10.34 14.77
N GLN A 94 -8.76 -10.33 15.73
CA GLN A 94 -7.31 -10.42 15.55
C GLN A 94 -6.64 -9.08 15.26
N LYS A 95 -5.75 -8.71 16.18
CA LYS A 95 -5.02 -7.45 16.14
C LYS A 95 -3.67 -7.59 15.48
N ALA A 96 -3.44 -6.79 14.43
CA ALA A 96 -2.19 -6.81 13.69
C ALA A 96 -0.97 -6.36 14.52
N LYS A 97 0.17 -7.00 14.26
CA LYS A 97 1.42 -6.70 14.95
C LYS A 97 2.28 -5.80 14.08
N MET A 98 3.12 -4.98 14.71
CA MET A 98 4.00 -4.07 14.00
C MET A 98 4.79 -4.78 12.90
N GLY A 99 4.76 -4.22 11.69
CA GLY A 99 5.49 -4.83 10.61
C GLY A 99 4.69 -5.81 9.76
N ASN A 100 3.49 -6.14 10.20
CA ASN A 100 2.65 -7.06 9.45
C ASN A 100 2.17 -6.42 8.17
N PHE A 101 1.72 -5.18 8.28
CA PHE A 101 1.22 -4.46 7.11
C PHE A 101 1.80 -3.06 7.12
N PRO A 102 3.09 -2.93 6.77
CA PRO A 102 3.80 -1.65 6.74
C PRO A 102 3.17 -0.67 5.77
N TRP A 103 2.26 -1.16 4.93
CA TRP A 103 1.62 -0.32 3.95
C TRP A 103 0.28 0.25 4.41
N GLN A 104 -0.28 -0.26 5.50
CA GLN A 104 -1.58 0.26 5.94
C GLN A 104 -1.47 1.73 6.25
N VAL A 105 -2.44 2.50 5.75
CA VAL A 105 -2.49 3.95 5.96
C VAL A 105 -3.74 4.29 6.76
N PHE A 106 -3.65 5.27 7.64
CA PHE A 106 -4.81 5.69 8.43
C PHE A 106 -5.34 6.99 7.85
N THR A 107 -6.61 6.95 7.46
CA THR A 107 -7.29 8.07 6.83
C THR A 107 -8.40 8.69 7.68
N ASN A 108 -8.49 10.01 7.68
CA ASN A 108 -9.54 10.68 8.42
C ASN A 108 -9.96 11.95 7.71
N ILE A 109 -10.57 11.76 6.56
CA ILE A 109 -11.06 12.85 5.73
C ILE A 109 -12.44 13.23 6.22
N HIS A 110 -13.45 12.48 5.78
CA HIS A 110 -14.82 12.69 6.18
C HIS A 110 -15.06 11.84 7.41
N GLY A 111 -14.26 10.79 7.53
CA GLY A 111 -14.36 9.89 8.64
C GLY A 111 -13.21 8.92 8.54
N ARG A 112 -13.07 8.08 9.56
CA ARG A 112 -12.01 7.09 9.61
C ARG A 112 -12.04 6.21 8.38
N GLY A 113 -10.86 5.99 7.80
CA GLY A 113 -10.75 5.16 6.61
C GLY A 113 -9.35 4.60 6.46
N GLY A 114 -9.12 3.88 5.36
CA GLY A 114 -7.80 3.32 5.15
C GLY A 114 -7.27 3.44 3.75
N GLY A 115 -5.98 3.13 3.60
CA GLY A 115 -5.34 3.19 2.30
C GLY A 115 -4.08 2.35 2.35
N ALA A 116 -3.36 2.31 1.24
CA ALA A 116 -2.11 1.55 1.17
C ALA A 116 -1.05 2.40 0.51
N LEU A 117 0.13 2.39 1.12
CA LEU A 117 1.27 3.13 0.62
C LEU A 117 1.74 2.46 -0.68
N LEU A 118 1.93 3.26 -1.72
CA LEU A 118 2.44 2.76 -3.00
C LEU A 118 3.77 3.45 -3.20
N GLY A 119 4.74 2.72 -3.69
CA GLY A 119 6.04 3.34 -3.88
C GLY A 119 6.51 3.99 -2.60
N ASP A 120 6.93 5.25 -2.70
CA ASP A 120 7.46 5.96 -1.54
C ASP A 120 6.73 7.28 -1.25
N ARG A 121 5.84 7.69 -2.16
CA ARG A 121 5.09 8.93 -1.93
C ARG A 121 3.67 8.94 -2.51
N TRP A 122 3.00 7.79 -2.49
CA TRP A 122 1.64 7.71 -3.01
C TRP A 122 0.77 6.82 -2.17
N ILE A 123 -0.42 7.30 -1.84
CA ILE A 123 -1.29 6.48 -1.04
C ILE A 123 -2.54 6.12 -1.86
N LEU A 124 -2.68 4.83 -2.14
CA LEU A 124 -3.80 4.28 -2.90
C LEU A 124 -4.99 4.10 -1.97
N THR A 125 -6.18 4.41 -2.45
CA THR A 125 -7.38 4.28 -1.61
C THR A 125 -8.69 4.30 -2.39
N ALA A 126 -9.80 4.36 -1.67
CA ALA A 126 -11.12 4.34 -2.28
C ALA A 126 -11.65 5.73 -2.63
N ALA A 127 -12.16 5.89 -3.84
CA ALA A 127 -12.68 7.18 -4.28
C ALA A 127 -13.76 7.68 -3.33
N HIS A 128 -14.71 6.81 -2.99
CA HIS A 128 -15.79 7.17 -2.10
C HIS A 128 -15.24 7.68 -0.77
N THR A 129 -14.00 7.33 -0.49
CA THR A 129 -13.37 7.76 0.76
C THR A 129 -13.14 9.26 0.72
N LEU A 130 -13.04 9.80 -0.49
CA LEU A 130 -12.81 11.22 -0.70
C LEU A 130 -14.10 11.93 -1.05
N TYR A 131 -14.94 11.27 -1.84
CA TYR A 131 -16.23 11.81 -2.24
C TYR A 131 -17.26 10.76 -1.86
N PRO A 132 -17.79 10.84 -0.64
CA PRO A 132 -18.79 9.89 -0.16
C PRO A 132 -20.19 10.05 -0.74
N LYS A 133 -20.96 8.98 -0.67
CA LYS A 133 -22.33 8.95 -1.16
C LYS A 133 -23.20 9.75 -0.19
N GLU A 134 -24.09 10.58 -0.73
CA GLU A 134 -24.97 11.39 0.12
C GLU A 134 -24.24 12.38 1.02
N HIS A 135 -23.24 13.07 0.50
CA HIS A 135 -22.53 14.04 1.33
C HIS A 135 -23.08 15.44 1.08
N ALA A 141 -13.20 18.86 2.89
CA ALA A 141 -12.68 18.35 4.14
C ALA A 141 -11.16 18.28 4.14
N SER A 142 -10.58 18.28 5.33
CA SER A 142 -9.14 18.22 5.49
C SER A 142 -8.63 16.81 5.21
N LEU A 143 -7.72 16.69 4.24
CA LEU A 143 -7.14 15.40 3.85
C LEU A 143 -6.11 14.89 4.86
N ASP A 144 -6.61 14.34 5.96
CA ASP A 144 -5.75 13.80 7.02
C ASP A 144 -5.30 12.39 6.70
N VAL A 145 -4.00 12.18 6.76
CA VAL A 145 -3.42 10.87 6.49
C VAL A 145 -2.25 10.62 7.42
N PHE A 146 -2.18 9.40 7.97
CA PHE A 146 -1.09 9.04 8.87
C PHE A 146 -0.60 7.67 8.47
N LEU A 147 0.68 7.40 8.73
CA LEU A 147 1.24 6.12 8.38
C LEU A 147 2.36 5.73 9.32
N GLY A 148 2.83 4.50 9.14
CA GLY A 148 3.93 4.01 9.93
C GLY A 148 3.65 3.56 11.35
N HIS A 149 2.49 3.00 11.61
CA HIS A 149 2.20 2.49 12.94
C HIS A 149 0.86 1.78 13.07
N THR A 150 0.84 0.86 14.02
CA THR A 150 -0.28 0.01 14.37
C THR A 150 -1.30 0.68 15.29
N ASN A 151 -0.80 1.35 16.33
CA ASN A 151 -1.67 2.01 17.29
C ASN A 151 -2.14 3.38 16.84
N VAL A 152 -3.44 3.64 16.94
CA VAL A 152 -3.99 4.91 16.50
C VAL A 152 -3.42 6.15 17.18
N GLU A 153 -3.24 6.13 18.49
CA GLU A 153 -2.69 7.30 19.17
C GLU A 153 -1.37 7.67 18.51
N GLU A 154 -0.51 6.67 18.38
CA GLU A 154 0.80 6.88 17.80
C GLU A 154 0.75 7.54 16.43
N LEU A 155 -0.10 7.07 15.52
CA LEU A 155 -0.15 7.68 14.20
C LEU A 155 -0.52 9.15 14.35
N MET A 156 -1.38 9.45 15.31
CA MET A 156 -1.80 10.82 15.56
C MET A 156 -0.58 11.64 15.96
N LYS A 157 0.19 11.15 16.94
CA LYS A 157 1.41 11.83 17.40
C LYS A 157 2.40 11.98 16.25
N LEU A 158 2.60 10.90 15.50
CA LEU A 158 3.51 10.93 14.37
C LEU A 158 3.17 12.07 13.43
N GLY A 159 1.94 12.55 13.50
CA GLY A 159 1.51 13.65 12.65
C GLY A 159 1.00 13.27 11.27
N ASN A 160 0.12 14.10 10.73
CA ASN A 160 -0.45 13.82 9.42
C ASN A 160 0.57 14.12 8.34
N HIS A 161 0.39 13.50 7.17
CA HIS A 161 1.29 13.72 6.06
C HIS A 161 0.58 14.49 4.97
N PRO A 162 0.88 15.80 4.86
CA PRO A 162 0.31 16.70 3.87
C PRO A 162 0.18 16.05 2.50
N ILE A 163 -0.93 16.34 1.82
CA ILE A 163 -1.19 15.78 0.50
C ILE A 163 -1.07 16.87 -0.57
N ARG A 164 -0.34 16.57 -1.64
CA ARG A 164 -0.15 17.54 -2.72
C ARG A 164 -1.14 17.38 -3.85
N ARG A 165 -1.39 16.15 -4.24
CA ARG A 165 -2.27 15.86 -5.35
C ARG A 165 -3.31 14.86 -4.91
N VAL A 166 -4.43 14.86 -5.60
CA VAL A 166 -5.52 13.93 -5.33
C VAL A 166 -5.95 13.48 -6.72
N SER A 167 -6.00 12.18 -6.94
CA SER A 167 -6.34 11.66 -8.25
C SER A 167 -7.45 10.61 -8.23
N VAL A 168 -8.70 11.06 -8.31
CA VAL A 168 -9.85 10.15 -8.32
C VAL A 168 -10.07 9.65 -9.74
N HIS A 169 -10.27 8.35 -9.90
CA HIS A 169 -10.47 7.78 -11.21
C HIS A 169 -11.66 8.41 -11.90
N PRO A 170 -11.59 8.60 -13.23
CA PRO A 170 -12.66 9.20 -14.02
C PRO A 170 -14.04 8.53 -13.95
N ASP A 171 -14.07 7.20 -14.01
CA ASP A 171 -15.34 6.49 -14.00
C ASP A 171 -16.20 6.63 -12.77
N TYR A 172 -15.57 6.74 -11.60
CA TYR A 172 -16.32 6.89 -10.36
C TYR A 172 -17.30 8.06 -10.42
N ARG A 173 -18.48 7.85 -9.84
CA ARG A 173 -19.52 8.88 -9.78
C ARG A 173 -20.07 8.90 -8.37
N GLN A 174 -20.09 10.09 -7.76
CA GLN A 174 -20.56 10.22 -6.39
C GLN A 174 -22.08 10.33 -6.24
N ASP A 175 -22.75 10.98 -7.18
CA ASP A 175 -24.20 11.15 -7.12
C ASP A 175 -24.99 9.84 -7.14
N GLU A 176 -24.39 8.78 -7.67
CA GLU A 176 -25.05 7.49 -7.75
C GLU A 176 -24.68 6.58 -6.58
N SER A 177 -25.37 6.78 -5.47
CA SER A 177 -25.13 6.05 -4.23
C SER A 177 -25.11 4.53 -4.25
N TYR A 178 -25.47 3.92 -5.37
CA TYR A 178 -25.46 2.46 -5.44
C TYR A 178 -24.61 1.95 -6.58
N ASN A 179 -23.69 2.80 -7.03
CA ASN A 179 -22.78 2.44 -8.11
C ASN A 179 -21.36 2.76 -7.70
N PHE A 180 -20.63 1.76 -7.24
CA PHE A 180 -19.25 1.98 -6.83
C PHE A 180 -18.21 1.74 -7.91
N GLU A 181 -18.66 1.70 -9.16
CA GLU A 181 -17.74 1.51 -10.28
C GLU A 181 -16.63 2.56 -10.18
N GLY A 182 -15.42 2.18 -10.58
CA GLY A 182 -14.31 3.11 -10.54
C GLY A 182 -13.88 3.62 -9.18
N ASP A 183 -14.46 3.06 -8.11
CA ASP A 183 -14.11 3.48 -6.76
C ASP A 183 -12.63 3.22 -6.51
N ILE A 184 -11.83 4.28 -6.58
CA ILE A 184 -10.40 4.16 -6.36
C ILE A 184 -9.75 5.50 -6.64
N ALA A 185 -8.80 5.87 -5.78
CA ALA A 185 -8.11 7.14 -5.96
C ALA A 185 -6.64 7.07 -5.58
N LEU A 186 -5.96 8.18 -5.78
CA LEU A 186 -4.55 8.24 -5.44
C LEU A 186 -4.26 9.51 -4.70
N LEU A 187 -3.41 9.40 -3.69
CA LEU A 187 -3.02 10.55 -2.92
C LEU A 187 -1.50 10.68 -3.01
N GLU A 188 -1.02 11.78 -3.56
CA GLU A 188 0.41 12.02 -3.64
C GLU A 188 0.82 12.80 -2.39
N LEU A 189 1.74 12.24 -1.62
CA LEU A 189 2.18 12.94 -0.42
C LEU A 189 2.98 14.16 -0.85
N GLU A 190 2.92 15.21 -0.05
CA GLU A 190 3.65 16.43 -0.32
C GLU A 190 5.12 16.05 -0.37
N ASN A 191 5.57 15.31 0.65
CA ASN A 191 6.96 14.87 0.72
C ASN A 191 6.93 13.36 0.93
N SER A 192 7.72 12.67 0.14
CA SER A 192 7.81 11.22 0.24
C SER A 192 8.27 10.87 1.65
N VAL A 193 8.07 9.63 2.05
CA VAL A 193 8.46 9.16 3.36
C VAL A 193 9.70 8.29 3.32
N THR A 194 10.12 7.86 4.50
CA THR A 194 11.28 7.00 4.65
C THR A 194 10.77 5.64 5.06
N LEU A 195 10.96 4.66 4.20
CA LEU A 195 10.49 3.32 4.48
C LEU A 195 11.19 2.71 5.68
N GLY A 196 10.54 1.75 6.31
CA GLY A 196 11.11 1.10 7.47
C GLY A 196 10.34 -0.18 7.73
N PRO A 197 10.70 -0.91 8.80
CA PRO A 197 9.98 -2.15 9.10
C PRO A 197 8.51 -1.87 9.33
N ASN A 198 8.17 -0.62 9.63
CA ASN A 198 6.79 -0.27 9.90
C ASN A 198 6.15 0.66 8.90
N LEU A 199 6.77 0.76 7.74
CA LEU A 199 6.24 1.61 6.71
C LEU A 199 6.90 1.20 5.42
N LEU A 200 6.18 0.40 4.64
CA LEU A 200 6.66 -0.08 3.35
C LEU A 200 5.50 -0.17 2.39
N PRO A 201 5.74 0.11 1.10
CA PRO A 201 4.67 0.05 0.10
C PRO A 201 4.28 -1.37 -0.23
N ILE A 202 3.14 -1.53 -0.88
CA ILE A 202 2.69 -2.85 -1.27
C ILE A 202 2.85 -2.87 -2.78
N CYS A 203 2.97 -4.05 -3.36
CA CYS A 203 3.11 -4.11 -4.81
C CYS A 203 1.74 -4.10 -5.50
N LEU A 204 1.76 -3.99 -6.82
CA LEU A 204 0.54 -3.96 -7.60
C LEU A 204 0.41 -5.29 -8.34
N PRO A 205 -0.84 -5.77 -8.53
CA PRO A 205 -1.04 -7.05 -9.23
C PRO A 205 -0.67 -6.90 -10.69
N ASP A 206 -0.46 -8.02 -11.37
CA ASP A 206 -0.10 -8.00 -12.80
C ASP A 206 -0.59 -9.25 -13.52
N ASN A 207 -1.08 -10.22 -12.75
CA ASN A 207 -1.58 -11.45 -13.33
C ASN A 207 -3.04 -11.59 -12.91
N ASP A 208 -3.89 -11.97 -13.84
CA ASP A 208 -5.32 -12.11 -13.57
C ASP A 208 -5.63 -13.18 -12.53
N THR A 209 -4.69 -14.11 -12.34
CA THR A 209 -4.86 -15.19 -11.37
C THR A 209 -4.96 -14.75 -9.91
N PHE A 210 -4.61 -13.49 -9.64
CA PHE A 210 -4.69 -12.95 -8.29
C PHE A 210 -6.14 -12.81 -7.89
N TYR A 211 -7.04 -13.43 -8.66
CA TYR A 211 -8.46 -13.37 -8.34
C TYR A 211 -9.11 -14.74 -8.32
N ASP A 212 -8.30 -15.78 -8.47
CA ASP A 212 -8.82 -17.15 -8.44
C ASP A 212 -9.67 -17.36 -7.21
N LEU A 213 -10.79 -18.05 -7.40
CA LEU A 213 -11.74 -18.31 -6.33
C LEU A 213 -11.10 -19.04 -5.16
N GLY A 214 -11.62 -18.77 -3.97
CA GLY A 214 -11.10 -19.41 -2.78
C GLY A 214 -9.77 -18.84 -2.31
N LEU A 215 -9.18 -17.99 -3.13
CA LEU A 215 -7.91 -17.39 -2.78
C LEU A 215 -8.05 -16.53 -1.53
N MET A 216 -7.19 -16.79 -0.55
CA MET A 216 -7.21 -16.06 0.72
C MET A 216 -6.35 -14.79 0.72
N GLY A 217 -7.01 -13.66 0.88
CA GLY A 217 -6.30 -12.40 0.91
C GLY A 217 -6.56 -11.78 2.27
N TYR A 218 -5.85 -10.71 2.59
CA TYR A 218 -6.05 -10.05 3.88
C TYR A 218 -6.60 -8.65 3.76
N VAL A 219 -7.36 -8.27 4.78
CA VAL A 219 -7.93 -6.95 4.87
C VAL A 219 -7.65 -6.45 6.27
N SER A 220 -6.82 -5.43 6.36
CA SER A 220 -6.44 -4.81 7.62
C SER A 220 -7.03 -3.41 7.70
N GLY A 221 -7.44 -3.01 8.89
CA GLY A 221 -8.02 -1.69 9.04
C GLY A 221 -8.33 -1.33 10.47
N PHE A 222 -8.76 -0.09 10.65
CA PHE A 222 -9.09 0.40 11.97
C PHE A 222 -10.59 0.58 12.01
N GLY A 223 -11.30 -0.22 11.23
CA GLY A 223 -12.73 -0.13 11.15
C GLY A 223 -13.54 0.04 12.43
N VAL A 224 -14.59 -0.74 12.53
CA VAL A 224 -15.47 -0.70 13.70
C VAL A 224 -15.82 -2.13 13.99
N MET A 225 -15.10 -2.72 14.93
CA MET A 225 -15.31 -4.11 15.29
C MET A 225 -16.54 -4.32 16.16
N GLU A 226 -17.17 -5.48 16.01
CA GLU A 226 -18.35 -5.86 16.80
C GLU A 226 -19.04 -4.78 17.64
N GLU A 227 -18.61 -4.66 18.89
CA GLU A 227 -19.20 -3.72 19.84
C GLU A 227 -18.42 -2.44 20.13
N LYS A 228 -17.10 -2.45 19.94
CA LYS A 228 -16.28 -1.27 20.26
C LYS A 228 -15.45 -0.66 19.12
N ILE A 229 -14.88 0.50 19.42
CA ILE A 229 -14.03 1.22 18.47
C ILE A 229 -12.69 0.50 18.55
N ALA A 230 -11.89 0.60 17.49
CA ALA A 230 -10.59 -0.05 17.49
C ALA A 230 -9.51 1.00 17.72
N HIS A 231 -8.68 0.79 18.74
CA HIS A 231 -7.58 1.71 19.08
C HIS A 231 -6.31 1.23 18.39
N ASP A 232 -6.40 0.06 17.79
CA ASP A 232 -5.26 -0.53 17.12
C ASP A 232 -5.70 -1.20 15.85
N LEU A 233 -4.78 -1.26 14.89
CA LEU A 233 -5.04 -1.89 13.61
C LEU A 233 -5.39 -3.34 13.84
N ARG A 234 -6.33 -3.85 13.06
CA ARG A 234 -6.76 -5.23 13.16
C ARG A 234 -6.83 -5.79 11.75
N PHE A 235 -6.89 -7.11 11.63
CA PHE A 235 -6.97 -7.71 10.31
C PHE A 235 -7.86 -8.95 10.31
N VAL A 236 -8.22 -9.40 9.11
CA VAL A 236 -9.06 -10.55 8.95
C VAL A 236 -8.71 -11.18 7.60
N ARG A 237 -8.76 -12.49 7.52
CA ARG A 237 -8.43 -13.18 6.28
C ARG A 237 -9.73 -13.59 5.58
N LEU A 238 -9.84 -13.26 4.30
CA LEU A 238 -11.05 -13.57 3.55
C LEU A 238 -10.77 -14.26 2.22
N PRO A 239 -11.67 -15.14 1.79
CA PRO A 239 -11.46 -15.83 0.50
C PRO A 239 -12.23 -15.14 -0.61
N VAL A 240 -11.63 -15.08 -1.80
CA VAL A 240 -12.30 -14.46 -2.94
C VAL A 240 -13.48 -15.36 -3.25
N ALA A 241 -14.68 -14.79 -3.25
CA ALA A 241 -15.89 -15.54 -3.51
C ALA A 241 -16.27 -15.56 -4.98
N ASN A 242 -17.11 -16.52 -5.35
CA ASN A 242 -17.58 -16.67 -6.72
C ASN A 242 -18.50 -15.49 -7.04
N PRO A 243 -18.21 -14.78 -8.15
CA PRO A 243 -19.03 -13.63 -8.54
C PRO A 243 -20.49 -14.01 -8.55
N GLN A 244 -20.81 -14.99 -9.39
CA GLN A 244 -22.15 -15.48 -9.54
C GLN A 244 -22.90 -15.58 -8.22
N ALA A 245 -22.32 -16.29 -7.26
CA ALA A 245 -22.97 -16.44 -5.96
C ALA A 245 -23.26 -15.08 -5.36
N CYS A 246 -22.28 -14.18 -5.43
CA CYS A 246 -22.45 -12.83 -4.89
C CYS A 246 -23.54 -12.12 -5.69
N GLU A 247 -23.50 -12.29 -7.00
CA GLU A 247 -24.49 -11.69 -7.91
C GLU A 247 -25.90 -12.15 -7.53
N ASN A 248 -26.01 -13.38 -7.08
CA ASN A 248 -27.32 -13.89 -6.67
C ASN A 248 -27.66 -13.24 -5.34
N TRP A 249 -26.90 -13.59 -4.31
CA TRP A 249 -27.10 -13.04 -2.98
C TRP A 249 -27.57 -11.59 -3.04
N LEU A 250 -26.92 -10.82 -3.91
CA LEU A 250 -27.22 -9.41 -4.07
C LEU A 250 -28.63 -9.16 -4.60
N ARG A 251 -28.99 -9.82 -5.70
CA ARG A 251 -30.32 -9.64 -6.26
C ARG A 251 -31.31 -10.34 -5.33
N GLY A 252 -30.84 -11.40 -4.68
CA GLY A 252 -31.68 -12.13 -3.76
C GLY A 252 -32.34 -11.15 -2.80
N LYS A 253 -31.56 -10.20 -2.29
CA LYS A 253 -32.08 -9.20 -1.36
C LYS A 253 -32.66 -8.00 -2.10
N ASN A 254 -32.89 -8.18 -3.39
CA ASN A 254 -33.45 -7.14 -4.26
C ASN A 254 -32.56 -5.92 -4.48
N ARG A 255 -31.29 -6.03 -4.11
CA ARG A 255 -30.36 -4.92 -4.29
C ARG A 255 -30.07 -4.72 -5.76
N MET A 256 -30.05 -3.47 -6.21
CA MET A 256 -29.79 -3.19 -7.61
C MET A 256 -28.45 -2.50 -7.79
N ASP A 257 -27.55 -2.73 -6.83
CA ASP A 257 -26.20 -2.15 -6.84
C ASP A 257 -25.37 -2.63 -8.03
N VAL A 258 -24.43 -1.79 -8.47
CA VAL A 258 -23.56 -2.17 -9.59
C VAL A 258 -22.52 -3.17 -9.12
N PHE A 259 -22.23 -4.16 -9.97
CA PHE A 259 -21.24 -5.19 -9.65
C PHE A 259 -20.53 -5.58 -10.94
N SER A 260 -19.66 -4.67 -11.39
CA SER A 260 -18.92 -4.82 -12.64
C SER A 260 -17.70 -5.72 -12.66
N GLN A 261 -17.20 -5.94 -13.86
CA GLN A 261 -16.03 -6.75 -14.08
C GLN A 261 -14.86 -6.05 -13.40
N ASN A 262 -15.05 -4.77 -13.09
CA ASN A 262 -14.00 -3.99 -12.45
C ASN A 262 -14.07 -4.10 -10.93
N MET A 263 -14.83 -5.08 -10.45
CA MET A 263 -14.94 -5.30 -9.03
C MET A 263 -14.79 -6.80 -8.84
N PHE A 264 -14.92 -7.24 -7.59
CA PHE A 264 -14.86 -8.66 -7.26
C PHE A 264 -15.33 -8.75 -5.84
N CYS A 265 -15.83 -9.92 -5.47
CA CYS A 265 -16.35 -10.11 -4.14
C CYS A 265 -15.54 -11.08 -3.31
N ALA A 266 -15.68 -10.98 -2.01
CA ALA A 266 -14.94 -11.87 -1.12
C ALA A 266 -15.74 -12.13 0.14
N GLY A 267 -15.30 -13.10 0.92
CA GLY A 267 -16.00 -13.43 2.14
C GLY A 267 -17.16 -14.33 1.81
N HIS A 268 -17.94 -14.65 2.82
CA HIS A 268 -19.09 -15.52 2.61
C HIS A 268 -20.17 -15.15 3.61
N PRO A 269 -21.44 -15.25 3.21
CA PRO A 269 -22.50 -14.90 4.16
C PRO A 269 -22.43 -15.65 5.48
N SER A 270 -21.80 -16.82 5.49
CA SER A 270 -21.68 -17.60 6.71
C SER A 270 -20.42 -17.30 7.52
N LEU A 271 -19.53 -16.47 6.96
CA LEU A 271 -18.29 -16.08 7.63
C LEU A 271 -18.60 -15.07 8.71
N LYS A 272 -17.83 -15.08 9.78
CA LYS A 272 -18.07 -14.14 10.86
C LYS A 272 -16.94 -13.11 10.98
N GLN A 273 -16.07 -13.12 9.98
CA GLN A 273 -14.95 -12.21 9.91
C GLN A 273 -15.22 -11.33 8.72
N ASP A 274 -15.03 -10.03 8.85
CA ASP A 274 -15.28 -9.11 7.74
C ASP A 274 -14.84 -7.67 8.01
N ALA A 275 -14.69 -6.90 6.93
CA ALA A 275 -14.30 -5.50 7.03
C ALA A 275 -15.59 -4.77 7.31
N CYS A 276 -15.51 -3.70 8.09
CA CYS A 276 -16.72 -2.97 8.43
C CYS A 276 -16.56 -1.47 8.28
N GLN A 277 -17.36 -0.74 9.04
CA GLN A 277 -17.33 0.72 9.03
C GLN A 277 -15.96 1.22 9.40
N GLY A 278 -15.28 1.86 8.46
CA GLY A 278 -13.97 2.42 8.73
C GLY A 278 -12.79 1.73 8.08
N ASP A 279 -13.04 0.59 7.43
CA ASP A 279 -11.96 -0.13 6.77
C ASP A 279 -11.91 0.16 5.29
N SER A 280 -12.97 0.76 4.73
CA SER A 280 -12.96 1.05 3.31
C SER A 280 -11.74 1.90 2.97
N GLY A 281 -11.28 1.80 1.73
CA GLY A 281 -10.08 2.53 1.34
C GLY A 281 -8.90 1.64 1.65
N GLY A 282 -9.08 0.78 2.65
CA GLY A 282 -8.04 -0.16 3.02
C GLY A 282 -7.84 -1.04 1.80
N VAL A 283 -6.91 -1.99 1.88
CA VAL A 283 -6.63 -2.83 0.74
C VAL A 283 -6.82 -4.31 1.02
N PHE A 284 -7.08 -5.08 -0.04
CA PHE A 284 -7.25 -6.52 0.05
C PHE A 284 -5.90 -7.06 -0.39
N ALA A 285 -5.10 -7.52 0.56
CA ALA A 285 -3.76 -8.00 0.27
C ALA A 285 -3.57 -9.50 0.06
N VAL A 286 -2.85 -9.84 -1.00
CA VAL A 286 -2.58 -11.23 -1.30
C VAL A 286 -1.06 -11.44 -1.39
N ARG A 287 -0.56 -12.38 -0.61
CA ARG A 287 0.87 -12.70 -0.60
C ARG A 287 1.13 -13.60 -1.80
N ASP A 288 1.59 -13.02 -2.90
CA ASP A 288 1.87 -13.80 -4.10
C ASP A 288 2.85 -14.90 -3.74
N PRO A 289 2.39 -16.16 -3.73
CA PRO A 289 3.26 -17.28 -3.39
C PRO A 289 4.43 -17.43 -4.37
N ASN A 290 4.17 -17.09 -5.62
CA ASN A 290 5.19 -17.19 -6.68
C ASN A 290 6.44 -16.34 -6.41
N THR A 291 6.29 -15.22 -5.70
CA THR A 291 7.43 -14.34 -5.42
C THR A 291 7.59 -13.98 -3.95
N ASP A 292 6.69 -14.50 -3.13
CA ASP A 292 6.72 -14.21 -1.71
C ASP A 292 6.65 -12.70 -1.48
N ARG A 293 5.82 -12.04 -2.28
CA ARG A 293 5.66 -10.60 -2.17
C ARG A 293 4.15 -10.32 -2.15
N TRP A 294 3.75 -9.38 -1.31
CA TRP A 294 2.34 -9.04 -1.17
C TRP A 294 1.85 -7.98 -2.14
N VAL A 295 0.76 -8.31 -2.83
CA VAL A 295 0.17 -7.41 -3.78
C VAL A 295 -1.20 -6.97 -3.32
N ALA A 296 -1.60 -5.78 -3.76
CA ALA A 296 -2.89 -5.23 -3.41
C ALA A 296 -3.83 -5.59 -4.56
N THR A 297 -4.58 -6.67 -4.40
CA THR A 297 -5.47 -7.09 -5.46
C THR A 297 -6.79 -6.32 -5.48
N GLY A 298 -7.16 -5.75 -4.34
CA GLY A 298 -8.42 -5.01 -4.29
C GLY A 298 -8.49 -3.86 -3.30
N ILE A 299 -9.54 -3.06 -3.42
CA ILE A 299 -9.76 -1.91 -2.54
C ILE A 299 -11.09 -2.13 -1.84
N VAL A 300 -11.11 -2.07 -0.51
CA VAL A 300 -12.36 -2.26 0.21
C VAL A 300 -13.31 -1.13 -0.21
N SER A 301 -14.27 -1.47 -1.06
CA SER A 301 -15.23 -0.52 -1.62
C SER A 301 -16.60 -0.42 -0.96
N TRP A 302 -17.34 -1.53 -0.91
CA TRP A 302 -18.68 -1.49 -0.32
C TRP A 302 -19.24 -2.86 -0.03
N GLY A 303 -20.36 -2.85 0.69
CA GLY A 303 -21.04 -4.07 1.06
C GLY A 303 -22.38 -3.75 1.67
N ILE A 304 -22.90 -4.66 2.48
CA ILE A 304 -24.19 -4.45 3.15
C ILE A 304 -24.06 -5.04 4.54
N GLY A 305 -24.10 -4.17 5.55
CA GLY A 305 -23.92 -4.65 6.90
C GLY A 305 -22.48 -5.09 7.05
N CYS A 306 -22.20 -6.00 7.96
CA CYS A 306 -20.83 -6.43 8.15
C CYS A 306 -20.63 -7.92 8.39
N SER A 307 -20.93 -8.40 9.61
CA SER A 307 -20.75 -9.81 9.94
C SER A 307 -21.36 -10.76 8.92
N ARG A 308 -22.34 -10.27 8.17
CA ARG A 308 -23.05 -11.05 7.17
C ARG A 308 -22.16 -11.74 6.14
N GLY A 309 -22.24 -11.33 4.87
CA GLY A 309 -21.41 -11.97 3.87
C GLY A 309 -21.37 -11.35 2.50
N TYR A 310 -20.26 -11.58 1.81
CA TYR A 310 -20.03 -11.05 0.48
C TYR A 310 -19.75 -9.55 0.50
N GLY A 311 -18.46 -9.22 0.40
CA GLY A 311 -18.02 -7.83 0.40
C GLY A 311 -17.50 -7.51 -0.98
N PHE A 312 -17.52 -6.24 -1.36
CA PHE A 312 -17.05 -5.86 -2.69
C PHE A 312 -15.79 -5.01 -2.70
N TYR A 313 -14.90 -5.36 -3.61
CA TYR A 313 -13.60 -4.69 -3.74
C TYR A 313 -13.31 -4.33 -5.18
N THR A 314 -12.68 -3.17 -5.37
CA THR A 314 -12.31 -2.71 -6.70
C THR A 314 -11.22 -3.63 -7.22
N LYS A 315 -11.36 -4.08 -8.46
CA LYS A 315 -10.36 -4.98 -9.02
C LYS A 315 -9.14 -4.16 -9.44
N VAL A 316 -8.22 -3.96 -8.50
CA VAL A 316 -7.03 -3.16 -8.76
C VAL A 316 -6.31 -3.54 -10.06
N LEU A 317 -6.27 -4.82 -10.35
CA LEU A 317 -5.59 -5.29 -11.53
C LEU A 317 -6.02 -4.54 -12.77
N ASN A 318 -7.26 -4.05 -12.76
CA ASN A 318 -7.81 -3.32 -13.90
C ASN A 318 -7.45 -1.84 -13.92
N TYR A 319 -6.87 -1.33 -12.84
CA TYR A 319 -6.49 0.08 -12.81
C TYR A 319 -4.99 0.25 -12.73
N VAL A 320 -4.28 -0.87 -12.67
CA VAL A 320 -2.83 -0.86 -12.59
C VAL A 320 -2.20 0.15 -13.53
N ASP A 321 -2.63 0.13 -14.79
CA ASP A 321 -2.06 1.05 -15.76
C ASP A 321 -2.42 2.49 -15.38
N TRP A 322 -3.68 2.71 -15.04
CA TRP A 322 -4.15 4.03 -14.64
C TRP A 322 -3.31 4.54 -13.47
N ILE A 323 -3.08 3.68 -12.49
CA ILE A 323 -2.30 4.05 -11.31
C ILE A 323 -0.86 4.44 -11.70
N LYS A 324 -0.20 3.57 -12.47
CA LYS A 324 1.18 3.84 -12.89
C LYS A 324 1.28 5.20 -13.56
N LYS A 325 0.32 5.53 -14.42
CA LYS A 325 0.34 6.81 -15.11
C LYS A 325 0.21 7.98 -14.15
N GLU A 326 -0.69 7.85 -13.19
CA GLU A 326 -0.90 8.93 -12.23
C GLU A 326 0.33 9.20 -11.38
N MET A 327 1.04 8.15 -10.98
CA MET A 327 2.22 8.32 -10.15
C MET A 327 3.48 8.38 -10.99
N GLU A 328 3.37 8.00 -12.26
CA GLU A 328 4.51 8.10 -13.15
C GLU A 328 4.66 9.59 -13.33
N GLU A 329 3.62 10.32 -12.91
CA GLU A 329 3.56 11.77 -12.98
C GLU A 329 3.11 12.25 -14.36
#